data_4BH7
#
_entry.id   4BH7
#
_cell.length_a   54.560
_cell.length_b   76.770
_cell.length_c   59.170
_cell.angle_alpha   90.00
_cell.angle_beta   102.31
_cell.angle_gamma   90.00
#
_symmetry.space_group_name_H-M   'P 1 21 1'
#
loop_
_entity.id
_entity.type
_entity.pdbx_description
1 polymer 'ANTI-ARS MURINE GERMLINE MONOCLONAL ANTIBODY 36-65'
2 polymer 'ANTI-ARS MURINE GERMLINE MONOCLONAL ANTIBODY 36-65'
3 polymer 'DODECAPEPTIDE ANTIGEN'
4 water water
#
loop_
_entity_poly.entity_id
_entity_poly.type
_entity_poly.pdbx_seq_one_letter_code
_entity_poly.pdbx_strand_id
1 'polypeptide(L)'
;DIQMTQTTSSLSASLGDRVTISCRASQDISNYLNWYQQKPDGTVSLLIYYGSRLHSGVPSRFSGSGSGTDYSLTISNLEQ
EDIATYFCQQGNTLPRTFGGGTKLEIKRADAAPTVSIFPPSSEQLTSGGASVVCFLNNFYPKDINVKWKIDGSERQNGVL
NSWTDQDSKDSTYSMSSTLTLTKDEYERHNSYTCEATHKTSTSPIVKSFNRNEC
;
A
2 'polypeptide(L)'
;EVQLQQSGAELVRAGSSVKMSCKASGYTFTSYGINWVKQRPGQGLEWIGYINPGNGYTKYNEKFKGKTTLTVDKSSSTAY
MQLRSLTSEDSAVYFCARSVYYGGSYYFDYWGQGTTLTVSSAKTTPPSVYPLAPGSAAQTNSMVTLGCLVKGYFPEPVTV
TWNSGSLSSGVHTFPAVLQSDLYTLSSSVTVPSSPRPSETVTCNVAHPASSTKVDKKIVPRD
;
B
3 'polypeptide(L)' PPYPAWHAPGNI P
#
# COMPACT_ATOMS: atom_id res chain seq x y z
N ASP A 1 3.48 -6.04 -25.04
CA ASP A 1 2.65 -7.10 -25.65
C ASP A 1 1.20 -6.92 -25.21
N ILE A 2 0.52 -8.05 -25.07
CA ILE A 2 -0.82 -8.08 -24.60
C ILE A 2 -0.85 -7.42 -23.25
N GLN A 3 -1.57 -6.32 -23.09
CA GLN A 3 -1.74 -5.85 -21.72
C GLN A 3 -3.16 -5.93 -21.28
N MET A 4 -3.30 -6.30 -20.03
CA MET A 4 -4.57 -6.46 -19.43
C MET A 4 -4.99 -5.22 -18.74
N THR A 5 -6.24 -4.85 -19.00
CA THR A 5 -6.90 -3.75 -18.33
C THR A 5 -8.00 -4.30 -17.43
N GLN A 6 -7.81 -4.23 -16.13
CA GLN A 6 -8.90 -4.53 -15.23
C GLN A 6 -9.51 -3.16 -15.21
N THR A 7 -10.71 -3.01 -15.71
CA THR A 7 -11.15 -1.63 -15.91
C THR A 7 -11.89 -0.93 -14.75
N THR A 8 -11.90 -1.55 -13.59
CA THR A 8 -12.46 -0.94 -12.40
C THR A 8 -11.45 -1.12 -11.28
N SER A 9 -10.92 -0.03 -10.74
CA SER A 9 -9.89 -0.14 -9.67
C SER A 9 -10.39 -0.55 -8.29
N SER A 10 -11.53 0.00 -7.92
CA SER A 10 -12.13 -0.32 -6.65
C SER A 10 -13.59 -0.65 -6.91
N LEU A 11 -14.02 -1.84 -6.48
CA LEU A 11 -15.38 -2.30 -6.71
C LEU A 11 -16.13 -2.37 -5.41
N SER A 12 -17.38 -2.00 -5.44
CA SER A 12 -18.11 -1.82 -4.22
C SER A 12 -19.23 -2.82 -4.08
N ALA A 13 -19.28 -3.53 -2.96
CA ALA A 13 -20.35 -4.52 -2.74
C ALA A 13 -20.62 -4.95 -1.30
N SER A 14 -21.76 -5.61 -1.12
CA SER A 14 -22.21 -6.09 0.19
C SER A 14 -21.94 -7.55 0.33
N LEU A 15 -21.76 -8.01 1.58
CA LEU A 15 -21.56 -9.42 1.84
C LEU A 15 -22.82 -10.08 1.36
N GLY A 16 -22.68 -11.22 0.67
CA GLY A 16 -23.83 -11.91 0.11
C GLY A 16 -24.12 -11.72 -1.37
N ASP A 17 -23.69 -10.63 -1.99
CA ASP A 17 -23.97 -10.42 -3.42
C ASP A 17 -23.10 -11.17 -4.36
N ARG A 18 -23.44 -11.03 -5.63
CA ARG A 18 -22.79 -11.63 -6.74
C ARG A 18 -21.84 -10.60 -7.28
N VAL A 19 -20.54 -10.82 -7.10
CA VAL A 19 -19.54 -9.87 -7.54
C VAL A 19 -18.88 -10.34 -8.84
N THR A 20 -18.66 -9.39 -9.74
CA THR A 20 -18.10 -9.68 -11.04
C THR A 20 -16.99 -8.73 -11.33
N ILE A 21 -15.78 -9.26 -11.43
CA ILE A 21 -14.60 -8.48 -11.70
C ILE A 21 -14.18 -8.79 -13.10
N SER A 22 -13.96 -7.77 -13.92
CA SER A 22 -13.61 -7.98 -15.33
C SER A 22 -12.18 -7.74 -15.63
N CYS A 23 -11.81 -7.99 -16.88
CA CYS A 23 -10.43 -7.94 -17.31
C CYS A 23 -10.43 -8.12 -18.82
N ARG A 24 -9.76 -7.22 -19.53
CA ARG A 24 -9.72 -7.25 -21.00
C ARG A 24 -8.32 -7.27 -21.59
N ALA A 25 -8.04 -8.24 -22.45
CA ALA A 25 -6.75 -8.36 -23.09
C ALA A 25 -6.72 -7.49 -24.33
N SER A 26 -5.58 -6.90 -24.65
CA SER A 26 -5.50 -6.08 -25.83
C SER A 26 -5.35 -6.97 -27.04
N GLN A 27 -5.59 -8.26 -26.84
CA GLN A 27 -5.56 -9.20 -27.95
C GLN A 27 -6.02 -10.55 -27.46
N ASP A 28 -6.42 -11.39 -28.39
CA ASP A 28 -6.91 -12.72 -28.09
C ASP A 28 -5.89 -13.55 -27.31
N ILE A 29 -6.31 -14.14 -26.18
CA ILE A 29 -5.43 -15.00 -25.38
C ILE A 29 -5.82 -16.47 -25.35
N SER A 30 -6.66 -16.91 -26.27
CA SER A 30 -6.98 -18.33 -26.35
C SER A 30 -7.20 -18.94 -24.98
N ASN A 31 -7.81 -18.15 -24.10
CA ASN A 31 -8.19 -18.60 -22.79
C ASN A 31 -6.97 -18.93 -21.96
N TYR A 32 -5.95 -18.08 -21.96
CA TYR A 32 -4.78 -18.37 -21.13
C TYR A 32 -4.83 -17.27 -20.06
N LEU A 33 -5.83 -17.37 -19.20
CA LEU A 33 -6.07 -16.37 -18.16
C LEU A 33 -6.11 -17.00 -16.78
N ASN A 34 -5.53 -16.31 -15.81
CA ASN A 34 -5.52 -16.79 -14.43
C ASN A 34 -5.93 -15.69 -13.47
N TRP A 35 -6.47 -16.06 -12.32
CA TRP A 35 -6.91 -15.11 -11.33
C TRP A 35 -6.24 -15.31 -9.98
N TYR A 36 -5.66 -14.23 -9.45
CA TYR A 36 -5.02 -14.30 -8.13
C TYR A 36 -5.76 -13.40 -7.18
N GLN A 37 -5.70 -13.72 -5.90
CA GLN A 37 -6.35 -12.90 -4.91
C GLN A 37 -5.35 -12.47 -3.87
N GLN A 38 -4.98 -11.19 -3.87
CA GLN A 38 -4.04 -10.69 -2.87
C GLN A 38 -4.76 -10.09 -1.70
N LYS A 39 -4.33 -10.46 -0.50
CA LYS A 39 -4.92 -9.93 0.69
C LYS A 39 -4.21 -8.70 1.24
N PRO A 40 -4.91 -7.90 2.01
CA PRO A 40 -4.42 -6.65 2.62
C PRO A 40 -3.14 -6.91 3.36
N ASP A 41 -3.01 -8.13 3.88
CA ASP A 41 -1.87 -8.53 4.64
C ASP A 41 -0.65 -8.73 3.75
N GLY A 42 -0.87 -8.73 2.44
CA GLY A 42 0.20 -8.84 1.49
C GLY A 42 0.36 -10.13 0.72
N THR A 43 -0.13 -11.24 1.25
CA THR A 43 0.07 -12.56 0.66
C THR A 43 -0.79 -12.80 -0.56
N VAL A 44 -0.27 -13.50 -1.55
CA VAL A 44 -1.05 -13.74 -2.74
C VAL A 44 -1.37 -15.22 -2.86
N SER A 45 -2.55 -15.54 -3.35
CA SER A 45 -2.88 -16.94 -3.64
C SER A 45 -3.71 -17.08 -4.91
N LEU A 46 -3.60 -18.22 -5.56
CA LEU A 46 -4.31 -18.54 -6.81
C LEU A 46 -5.77 -18.84 -6.60
N LEU A 47 -6.60 -18.68 -7.62
CA LEU A 47 -8.01 -18.99 -7.47
C LEU A 47 -8.52 -19.90 -8.56
N ILE A 48 -8.48 -19.36 -9.77
CA ILE A 48 -8.98 -19.94 -10.99
C ILE A 48 -7.89 -19.82 -12.05
N TYR A 49 -7.72 -20.85 -12.87
CA TYR A 49 -6.72 -20.77 -13.93
C TYR A 49 -7.31 -21.29 -15.23
N TYR A 50 -6.58 -21.05 -16.31
CA TYR A 50 -6.99 -21.48 -17.63
C TYR A 50 -8.36 -21.00 -18.04
N GLY A 51 -8.36 -20.19 -19.11
CA GLY A 51 -9.57 -19.66 -19.70
C GLY A 51 -10.50 -19.08 -18.67
N SER A 52 -10.17 -19.30 -17.40
CA SER A 52 -10.91 -18.75 -16.30
C SER A 52 -11.84 -19.78 -15.69
N ARG A 53 -11.79 -21.03 -16.15
CA ARG A 53 -12.71 -22.06 -15.68
C ARG A 53 -12.20 -22.86 -14.47
N LEU A 54 -10.94 -23.24 -14.56
CA LEU A 54 -10.29 -24.17 -13.63
C LEU A 54 -10.04 -23.72 -12.20
N HIS A 55 -10.37 -24.61 -11.28
CA HIS A 55 -10.24 -24.39 -9.86
C HIS A 55 -8.97 -24.95 -9.28
N SER A 56 -8.45 -24.30 -8.25
CA SER A 56 -7.30 -24.78 -7.51
C SER A 56 -7.96 -24.90 -6.14
N GLY A 57 -8.08 -26.09 -5.54
CA GLY A 57 -8.83 -26.23 -4.26
C GLY A 57 -9.51 -25.05 -3.54
N VAL A 58 -10.49 -24.37 -4.18
CA VAL A 58 -11.14 -23.21 -3.53
C VAL A 58 -12.66 -23.28 -3.48
N PRO A 59 -13.29 -22.41 -2.67
CA PRO A 59 -14.74 -22.33 -2.61
C PRO A 59 -15.37 -22.41 -4.02
N SER A 60 -16.49 -23.12 -4.10
CA SER A 60 -17.14 -23.34 -5.38
C SER A 60 -17.66 -22.03 -5.87
N ARG A 61 -18.04 -21.18 -4.94
CA ARG A 61 -18.62 -19.91 -5.29
C ARG A 61 -17.69 -18.97 -6.05
N PHE A 62 -16.51 -19.46 -6.41
CA PHE A 62 -15.60 -18.72 -7.26
C PHE A 62 -15.70 -19.35 -8.64
N SER A 63 -15.94 -18.53 -9.63
CA SER A 63 -16.17 -19.09 -10.94
C SER A 63 -15.57 -18.15 -11.95
N GLY A 64 -15.08 -18.71 -13.05
CA GLY A 64 -14.51 -17.88 -14.06
C GLY A 64 -15.02 -18.22 -15.44
N SER A 65 -14.88 -17.27 -16.35
CA SER A 65 -15.32 -17.42 -17.72
C SER A 65 -14.74 -16.30 -18.55
N GLY A 66 -15.09 -16.28 -19.83
CA GLY A 66 -14.59 -15.26 -20.75
C GLY A 66 -14.19 -16.00 -22.00
N SER A 67 -13.87 -15.31 -23.09
CA SER A 67 -13.49 -16.09 -24.26
C SER A 67 -12.55 -15.54 -25.29
N GLY A 68 -12.45 -14.24 -25.45
CA GLY A 68 -11.55 -13.78 -26.50
C GLY A 68 -10.58 -12.79 -25.92
N THR A 69 -11.15 -11.67 -25.51
CA THR A 69 -10.41 -10.59 -24.93
C THR A 69 -11.07 -10.26 -23.61
N ASP A 70 -12.32 -10.69 -23.47
CA ASP A 70 -13.13 -10.38 -22.33
C ASP A 70 -13.36 -11.55 -21.40
N TYR A 71 -12.99 -11.38 -20.13
CA TYR A 71 -13.11 -12.44 -19.14
C TYR A 71 -13.64 -11.88 -17.84
N SER A 72 -13.97 -12.74 -16.90
CA SER A 72 -14.42 -12.28 -15.62
C SER A 72 -14.39 -13.33 -14.50
N LEU A 73 -14.08 -12.86 -13.31
CA LEU A 73 -14.14 -13.67 -12.09
C LEU A 73 -15.47 -13.32 -11.46
N THR A 74 -16.24 -14.30 -11.05
CA THR A 74 -17.53 -14.03 -10.47
C THR A 74 -17.59 -14.70 -9.12
N ILE A 75 -17.80 -13.91 -8.07
CA ILE A 75 -17.88 -14.47 -6.74
C ILE A 75 -19.32 -14.39 -6.41
N SER A 76 -20.03 -15.48 -6.58
CA SER A 76 -21.42 -15.52 -6.14
C SER A 76 -21.40 -15.73 -4.60
N ASN A 77 -22.49 -15.37 -3.93
CA ASN A 77 -22.59 -15.49 -2.46
C ASN A 77 -21.33 -14.98 -1.78
N LEU A 78 -20.90 -13.76 -2.11
CA LEU A 78 -19.71 -13.12 -1.52
C LEU A 78 -19.55 -13.27 -0.03
N GLU A 79 -18.34 -13.06 0.47
CA GLU A 79 -18.07 -13.25 1.88
C GLU A 79 -16.94 -12.37 2.38
N GLN A 80 -16.90 -12.15 3.68
CA GLN A 80 -15.89 -11.28 4.28
C GLN A 80 -14.51 -11.62 3.80
N GLU A 81 -14.08 -12.81 4.18
CA GLU A 81 -12.89 -13.46 3.72
C GLU A 81 -12.54 -13.06 2.28
N ASP A 82 -13.54 -12.92 1.42
CA ASP A 82 -13.33 -12.56 0.03
C ASP A 82 -12.95 -11.11 -0.26
N ILE A 83 -13.05 -10.24 0.73
CA ILE A 83 -12.63 -8.84 0.52
C ILE A 83 -11.14 -8.77 0.35
N ALA A 84 -10.71 -8.58 -0.90
CA ALA A 84 -9.31 -8.53 -1.19
C ALA A 84 -9.17 -7.96 -2.59
N THR A 85 -7.93 -7.87 -3.06
CA THR A 85 -7.68 -7.39 -4.39
C THR A 85 -7.53 -8.56 -5.38
N TYR A 86 -8.20 -8.48 -6.53
CA TYR A 86 -8.11 -9.51 -7.54
C TYR A 86 -7.35 -9.06 -8.79
N PHE A 87 -6.33 -9.81 -9.16
CA PHE A 87 -5.54 -9.53 -10.37
C PHE A 87 -5.76 -10.64 -11.44
N CYS A 88 -5.90 -10.25 -12.70
CA CYS A 88 -5.94 -11.22 -13.76
C CYS A 88 -4.57 -11.23 -14.41
N GLN A 89 -4.23 -12.33 -15.07
CA GLN A 89 -2.91 -12.49 -15.64
C GLN A 89 -2.97 -13.30 -16.91
N GLN A 90 -2.26 -12.86 -17.95
CA GLN A 90 -2.29 -13.61 -19.20
C GLN A 90 -1.05 -14.47 -19.38
N GLY A 91 -1.29 -15.72 -19.79
CA GLY A 91 -0.22 -16.64 -19.93
C GLY A 91 -0.09 -17.09 -21.34
N ASN A 92 -0.58 -16.30 -22.27
CA ASN A 92 -0.51 -16.64 -23.67
C ASN A 92 0.80 -16.26 -24.33
N THR A 93 1.36 -15.11 -23.99
CA THR A 93 2.60 -14.64 -24.61
C THR A 93 3.54 -14.03 -23.60
N LEU A 94 4.80 -13.85 -23.98
CA LEU A 94 5.76 -13.22 -23.09
C LEU A 94 5.97 -11.77 -23.51
N PRO A 95 6.20 -10.87 -22.54
CA PRO A 95 6.27 -11.14 -21.12
C PRO A 95 4.89 -11.27 -20.49
N ARG A 96 4.82 -11.99 -19.36
CA ARG A 96 3.59 -12.18 -18.65
C ARG A 96 3.09 -10.85 -18.10
N THR A 97 1.79 -10.63 -18.15
CA THR A 97 1.29 -9.37 -17.72
C THR A 97 0.04 -9.54 -16.89
N PHE A 98 -0.11 -8.65 -15.91
CA PHE A 98 -1.26 -8.67 -15.01
C PHE A 98 -2.04 -7.43 -15.26
N GLY A 99 -3.28 -7.44 -14.80
CA GLY A 99 -4.08 -6.24 -14.87
C GLY A 99 -3.83 -5.33 -13.67
N GLY A 100 -4.29 -4.09 -13.75
CA GLY A 100 -4.17 -3.18 -12.64
C GLY A 100 -4.76 -3.69 -11.33
N GLY A 101 -5.60 -4.70 -11.38
CA GLY A 101 -6.17 -5.26 -10.17
C GLY A 101 -7.44 -4.58 -9.74
N THR A 102 -8.31 -5.31 -9.05
CA THR A 102 -9.55 -4.73 -8.61
C THR A 102 -9.78 -4.99 -7.12
N LYS A 103 -9.95 -3.92 -6.37
CA LYS A 103 -10.13 -4.05 -4.94
C LYS A 103 -11.55 -3.85 -4.48
N LEU A 104 -12.04 -4.85 -3.77
CA LEU A 104 -13.35 -4.81 -3.22
C LEU A 104 -13.34 -4.07 -1.88
N GLU A 105 -14.49 -3.52 -1.53
CA GLU A 105 -14.62 -2.83 -0.28
C GLU A 105 -16.04 -3.08 0.12
N ILE A 106 -16.36 -2.88 1.39
CA ILE A 106 -17.74 -3.05 1.82
C ILE A 106 -18.61 -1.81 1.60
N LYS A 107 -19.84 -2.03 1.18
CA LYS A 107 -20.74 -0.95 0.86
C LYS A 107 -21.39 -0.40 2.12
N ARG A 108 -21.38 0.91 2.24
CA ARG A 108 -21.88 1.57 3.43
C ARG A 108 -22.67 2.83 3.00
N ALA A 109 -23.34 3.46 3.94
CA ALA A 109 -24.11 4.64 3.64
C ALA A 109 -23.18 5.84 3.64
N ASP A 110 -23.46 6.86 2.83
CA ASP A 110 -22.54 8.01 2.72
C ASP A 110 -22.36 8.74 4.06
N ALA A 111 -21.13 9.18 4.32
CA ALA A 111 -20.76 9.89 5.55
C ALA A 111 -19.70 10.94 5.29
N ALA A 112 -19.99 12.17 5.68
CA ALA A 112 -19.08 13.27 5.37
C ALA A 112 -17.91 13.13 6.27
N PRO A 113 -16.75 13.63 5.86
CA PRO A 113 -15.57 13.52 6.72
C PRO A 113 -15.58 14.57 7.84
N THR A 114 -15.03 14.25 9.00
CA THR A 114 -14.88 15.29 10.01
C THR A 114 -13.52 15.85 9.73
N VAL A 115 -13.35 17.16 9.71
CA VAL A 115 -12.09 17.76 9.31
C VAL A 115 -11.39 18.54 10.40
N SER A 116 -10.10 18.35 10.55
CA SER A 116 -9.35 19.07 11.57
C SER A 116 -8.03 19.61 11.05
N ILE A 117 -7.69 20.84 11.40
CA ILE A 117 -6.45 21.43 10.96
C ILE A 117 -5.63 21.81 12.19
N PHE A 118 -4.32 21.73 12.07
CA PHE A 118 -3.41 21.98 13.19
C PHE A 118 -2.16 22.75 12.80
N PRO A 119 -1.90 23.87 13.50
CA PRO A 119 -0.74 24.67 13.22
C PRO A 119 0.49 23.89 13.56
N PRO A 120 1.67 24.38 13.15
CA PRO A 120 2.93 23.72 13.50
C PRO A 120 3.11 23.72 15.01
N SER A 121 3.82 22.72 15.52
CA SER A 121 4.07 22.64 16.96
C SER A 121 5.26 23.50 17.40
N SER A 122 5.19 24.02 18.62
CA SER A 122 6.28 24.81 19.17
C SER A 122 7.55 24.03 19.06
N GLU A 123 7.47 22.80 19.53
CA GLU A 123 8.58 21.90 19.48
C GLU A 123 9.19 21.89 18.09
N GLN A 124 8.37 21.69 17.05
CA GLN A 124 8.92 21.61 15.68
C GLN A 124 9.48 22.92 15.13
N LEU A 125 8.82 24.03 15.43
CA LEU A 125 9.27 25.31 14.93
C LEU A 125 10.67 25.65 15.42
N THR A 126 10.98 25.26 16.66
CA THR A 126 12.28 25.55 17.21
C THR A 126 13.35 24.77 16.48
N SER A 127 12.95 23.81 15.65
CA SER A 127 13.88 23.05 14.88
C SER A 127 13.98 23.64 13.49
N GLY A 128 13.39 24.80 13.29
CA GLY A 128 13.38 25.43 11.98
C GLY A 128 12.47 24.87 10.90
N GLY A 129 11.63 23.89 11.24
CA GLY A 129 10.68 23.37 10.28
C GLY A 129 9.26 23.72 10.66
N ALA A 130 8.34 23.60 9.72
CA ALA A 130 6.93 23.84 10.01
C ALA A 130 5.97 22.97 9.21
N SER A 131 5.16 22.19 9.91
CA SER A 131 4.19 21.33 9.26
C SER A 131 2.78 21.60 9.74
N VAL A 132 1.88 21.83 8.80
CA VAL A 132 0.49 22.03 9.14
C VAL A 132 -0.19 20.72 8.76
N VAL A 133 -0.97 20.16 9.67
CA VAL A 133 -1.62 18.88 9.44
C VAL A 133 -3.13 18.97 9.40
N CYS A 134 -3.75 18.13 8.57
CA CYS A 134 -5.19 18.11 8.43
C CYS A 134 -5.69 16.68 8.33
N PHE A 135 -6.53 16.28 9.26
CA PHE A 135 -7.14 14.96 9.23
C PHE A 135 -8.55 15.10 8.67
N LEU A 136 -8.97 14.11 7.91
CA LEU A 136 -10.30 14.06 7.36
C LEU A 136 -10.71 12.65 7.71
N ASN A 137 -11.48 12.53 8.77
CA ASN A 137 -11.82 11.24 9.34
C ASN A 137 -13.22 10.65 9.15
N ASN A 138 -13.27 9.34 9.08
CA ASN A 138 -14.50 8.59 9.01
C ASN A 138 -15.48 9.00 7.94
N PHE A 139 -15.00 9.08 6.70
CA PHE A 139 -15.82 9.47 5.56
C PHE A 139 -16.04 8.31 4.64
N TYR A 140 -17.13 8.34 3.90
CA TYR A 140 -17.46 7.32 2.91
C TYR A 140 -18.39 8.00 1.95
N PRO A 141 -18.22 7.80 0.63
CA PRO A 141 -17.29 6.96 -0.09
C PRO A 141 -15.89 7.41 0.13
N LYS A 142 -14.96 6.58 -0.32
CA LYS A 142 -13.58 6.80 -0.09
C LYS A 142 -12.87 7.79 -1.00
N ASP A 143 -13.51 8.23 -2.07
CA ASP A 143 -12.91 9.25 -2.94
C ASP A 143 -13.06 10.63 -2.32
N ILE A 144 -11.97 11.38 -2.33
CA ILE A 144 -11.97 12.69 -1.73
C ILE A 144 -10.82 13.53 -2.28
N ASN A 145 -11.00 14.84 -2.35
CA ASN A 145 -9.98 15.75 -2.82
C ASN A 145 -9.72 16.78 -1.76
N VAL A 146 -8.52 16.75 -1.19
CA VAL A 146 -8.11 17.76 -0.22
C VAL A 146 -7.33 18.83 -0.95
N LYS A 147 -7.53 20.07 -0.57
CA LYS A 147 -6.85 21.19 -1.21
C LYS A 147 -6.34 22.16 -0.13
N TRP A 148 -5.09 22.60 -0.23
CA TRP A 148 -4.51 23.55 0.72
C TRP A 148 -4.40 24.97 0.14
N LYS A 149 -4.53 25.95 1.00
CA LYS A 149 -4.38 27.32 0.57
C LYS A 149 -3.52 28.05 1.56
N ILE A 150 -2.59 28.86 1.06
CA ILE A 150 -1.77 29.67 1.93
C ILE A 150 -2.08 31.10 1.57
N ASP A 151 -2.55 31.83 2.55
CA ASP A 151 -2.90 33.20 2.34
C ASP A 151 -3.95 33.33 1.24
N GLY A 152 -4.71 32.26 1.04
CA GLY A 152 -5.81 32.32 0.10
C GLY A 152 -5.65 31.69 -1.26
N SER A 153 -4.45 31.29 -1.61
CA SER A 153 -4.29 30.61 -2.88
C SER A 153 -3.75 29.21 -2.68
N GLU A 154 -4.03 28.33 -3.64
CA GLU A 154 -3.62 26.95 -3.58
C GLU A 154 -2.15 26.76 -3.40
N ARG A 155 -1.79 25.63 -2.80
CA ARG A 155 -0.40 25.27 -2.63
C ARG A 155 -0.32 23.78 -2.90
N GLN A 156 0.77 23.32 -3.51
CA GLN A 156 0.88 21.90 -3.82
C GLN A 156 2.22 21.23 -3.56
N ASN A 157 3.26 22.00 -3.25
CA ASN A 157 4.56 21.47 -2.85
C ASN A 157 4.56 21.31 -1.36
N GLY A 158 5.11 20.21 -0.88
CA GLY A 158 5.11 19.94 0.54
C GLY A 158 3.94 19.04 0.93
N VAL A 159 2.86 19.12 0.20
CA VAL A 159 1.69 18.34 0.54
C VAL A 159 1.89 16.83 0.41
N LEU A 160 1.88 16.12 1.53
CA LEU A 160 1.94 14.65 1.51
C LEU A 160 0.70 14.05 2.14
N ASN A 161 0.04 13.13 1.45
CA ASN A 161 -1.20 12.57 1.96
C ASN A 161 -1.06 11.12 2.31
N SER A 162 -1.93 10.62 3.18
CA SER A 162 -2.01 9.22 3.53
C SER A 162 -3.44 8.85 3.74
N TRP A 163 -3.78 7.64 3.34
CA TRP A 163 -5.14 7.15 3.41
C TRP A 163 -5.12 5.82 4.15
N THR A 164 -6.10 5.57 4.97
CA THR A 164 -6.16 4.31 5.69
C THR A 164 -7.03 3.40 4.87
N ASP A 165 -6.90 2.09 5.06
CA ASP A 165 -7.79 1.17 4.38
C ASP A 165 -9.13 1.27 5.02
N GLN A 166 -10.14 0.73 4.35
CA GLN A 166 -11.47 0.72 4.91
C GLN A 166 -11.39 0.17 6.36
N ASP A 167 -12.19 0.72 7.26
CA ASP A 167 -12.14 0.30 8.63
C ASP A 167 -12.84 -1.05 8.81
N SER A 168 -12.54 -1.77 9.88
CA SER A 168 -13.17 -3.07 10.13
C SER A 168 -14.51 -3.05 10.91
N LYS A 169 -14.67 -2.12 11.83
CA LYS A 169 -15.90 -2.02 12.60
C LYS A 169 -16.93 -1.26 11.78
N ASP A 170 -16.62 -0.05 11.35
CA ASP A 170 -17.51 0.69 10.46
C ASP A 170 -16.84 0.52 9.11
N SER A 171 -17.39 1.01 8.02
CA SER A 171 -16.71 0.78 6.78
C SER A 171 -16.27 2.09 6.19
N THR A 172 -15.75 2.96 7.04
CA THR A 172 -15.34 4.30 6.61
C THR A 172 -13.86 4.40 6.29
N TYR A 173 -13.47 5.51 5.67
CA TYR A 173 -12.08 5.76 5.34
C TYR A 173 -11.65 6.99 6.08
N SER A 174 -10.35 7.16 6.24
CA SER A 174 -9.79 8.36 6.88
C SER A 174 -8.62 8.77 6.04
N MET A 175 -8.29 10.06 6.09
CA MET A 175 -7.18 10.58 5.33
C MET A 175 -6.43 11.68 6.09
N SER A 176 -5.12 11.71 5.93
CA SER A 176 -4.33 12.72 6.57
C SER A 176 -3.53 13.47 5.49
N SER A 177 -3.45 14.79 5.60
CA SER A 177 -2.73 15.62 4.64
C SER A 177 -1.81 16.55 5.43
N THR A 178 -0.58 16.72 4.97
CA THR A 178 0.38 17.53 5.68
C THR A 178 1.19 18.41 4.76
N LEU A 179 1.14 19.72 5.04
CA LEU A 179 1.91 20.72 4.31
C LEU A 179 3.18 21.08 5.06
N THR A 180 4.33 20.75 4.51
CA THR A 180 5.55 21.11 5.19
C THR A 180 6.29 22.29 4.56
N LEU A 181 6.61 23.28 5.39
CA LEU A 181 7.38 24.44 4.97
C LEU A 181 8.54 24.68 5.92
N THR A 182 9.47 25.54 5.51
CA THR A 182 10.52 26.01 6.42
C THR A 182 9.88 26.97 7.43
N LYS A 183 10.53 27.15 8.57
CA LYS A 183 10.04 28.06 9.56
C LYS A 183 9.84 29.45 8.99
N ASP A 184 10.80 29.96 8.22
CA ASP A 184 10.66 31.29 7.63
C ASP A 184 9.50 31.42 6.66
N GLU A 185 9.28 30.46 5.77
CA GLU A 185 8.21 30.68 4.82
C GLU A 185 6.90 30.73 5.53
N TYR A 186 6.81 29.95 6.58
CA TYR A 186 5.61 29.86 7.35
C TYR A 186 5.33 31.18 8.04
N GLU A 187 6.33 31.80 8.64
CA GLU A 187 6.15 33.05 9.36
C GLU A 187 5.98 34.24 8.42
N ARG A 188 6.09 33.99 7.12
CA ARG A 188 5.91 35.02 6.13
C ARG A 188 4.46 35.14 5.65
N HIS A 189 3.61 34.23 6.11
CA HIS A 189 2.23 34.22 5.69
C HIS A 189 1.31 34.07 6.88
N ASN A 190 0.04 34.29 6.64
CA ASN A 190 -0.92 34.34 7.71
C ASN A 190 -1.92 33.19 7.75
N SER A 191 -2.71 33.03 6.69
CA SER A 191 -3.82 32.06 6.71
C SER A 191 -3.56 30.74 6.03
N TYR A 192 -3.94 29.67 6.71
CA TYR A 192 -3.76 28.33 6.19
C TYR A 192 -5.09 27.63 6.11
N THR A 193 -5.36 27.02 4.97
CA THR A 193 -6.65 26.36 4.80
C THR A 193 -6.57 24.93 4.30
N CYS A 194 -7.46 24.13 4.83
CA CYS A 194 -7.60 22.75 4.42
C CYS A 194 -9.01 22.60 3.88
N GLU A 195 -9.18 22.40 2.58
CA GLU A 195 -10.51 22.25 2.05
C GLU A 195 -10.76 20.84 1.58
N ALA A 196 -11.85 20.27 2.01
CA ALA A 196 -12.19 18.92 1.63
C ALA A 196 -13.40 18.87 0.69
N THR A 197 -13.18 18.48 -0.54
CA THR A 197 -14.30 18.31 -1.42
C THR A 197 -14.59 16.80 -1.41
N HIS A 198 -15.85 16.47 -1.24
CA HIS A 198 -16.27 15.11 -1.13
C HIS A 198 -17.70 15.26 -1.57
N LYS A 199 -18.26 14.25 -2.19
CA LYS A 199 -19.62 14.38 -2.68
C LYS A 199 -20.63 14.13 -1.56
N THR A 200 -20.53 14.92 -0.52
CA THR A 200 -21.38 14.78 0.62
C THR A 200 -22.15 16.07 0.59
N SER A 201 -21.52 17.09 0.01
CA SER A 201 -22.07 18.40 -0.19
C SER A 201 -21.40 18.86 -1.45
N THR A 202 -21.95 19.86 -2.11
CA THR A 202 -21.36 20.38 -3.32
C THR A 202 -20.44 21.48 -2.88
N SER A 203 -20.56 21.82 -1.61
CA SER A 203 -19.75 22.86 -1.00
C SER A 203 -18.65 22.21 -0.21
N PRO A 204 -17.43 22.70 -0.38
CA PRO A 204 -16.34 22.11 0.38
C PRO A 204 -16.55 22.34 1.86
N ILE A 205 -15.84 21.57 2.68
CA ILE A 205 -15.82 21.70 4.14
C ILE A 205 -14.49 22.37 4.44
N VAL A 206 -14.53 23.59 4.93
CA VAL A 206 -13.28 24.35 5.15
C VAL A 206 -12.76 24.53 6.60
N LYS A 207 -11.51 24.21 6.84
CA LYS A 207 -10.90 24.48 8.14
C LYS A 207 -9.65 25.28 7.93
N SER A 208 -9.47 26.30 8.74
CA SER A 208 -8.31 27.15 8.65
C SER A 208 -8.01 27.96 9.88
N PHE A 209 -6.82 28.50 9.93
CA PHE A 209 -6.39 29.28 11.07
C PHE A 209 -5.48 30.38 10.57
N ASN A 210 -5.35 31.43 11.34
CA ASN A 210 -4.48 32.51 10.96
C ASN A 210 -3.40 32.57 11.99
N ARG A 211 -2.16 32.80 11.57
CA ARG A 211 -1.10 33.00 12.54
C ARG A 211 -1.25 34.26 13.38
N ASN A 212 -1.93 35.29 12.87
CA ASN A 212 -2.15 36.47 13.70
C ASN A 212 -3.09 36.24 14.85
N GLU A 213 -4.21 35.55 14.61
CA GLU A 213 -5.15 35.26 15.69
C GLU A 213 -4.58 34.21 16.64
N CYS A 214 -3.40 33.75 16.32
CA CYS A 214 -2.67 32.87 17.22
C CYS A 214 -1.91 33.87 18.07
N GLU B 1 2.42 -29.48 2.72
CA GLU B 1 2.08 -28.42 1.73
C GLU B 1 3.31 -27.93 0.97
N VAL B 2 3.07 -27.17 -0.11
CA VAL B 2 4.12 -26.47 -0.86
C VAL B 2 4.36 -25.10 -0.21
N GLN B 3 5.62 -24.75 0.03
CA GLN B 3 5.93 -23.50 0.70
C GLN B 3 7.10 -22.78 0.03
N LEU B 4 7.12 -21.46 0.13
CA LEU B 4 8.20 -20.65 -0.40
C LEU B 4 8.53 -19.54 0.59
N GLN B 5 9.57 -19.68 1.38
CA GLN B 5 9.92 -18.67 2.37
C GLN B 5 10.91 -17.70 1.74
N GLN B 6 10.51 -16.46 1.49
CA GLN B 6 11.43 -15.47 0.92
C GLN B 6 12.27 -14.81 2.00
N SER B 7 13.25 -14.04 1.60
CA SER B 7 14.18 -13.34 2.51
C SER B 7 13.51 -12.29 3.35
N GLY B 8 14.30 -11.73 4.26
CA GLY B 8 13.82 -10.63 5.09
C GLY B 8 13.95 -9.31 4.36
N ALA B 9 13.18 -8.32 4.79
CA ALA B 9 13.23 -6.98 4.21
C ALA B 9 14.67 -6.54 3.94
N GLU B 10 14.86 -5.70 2.93
CA GLU B 10 16.19 -5.27 2.57
C GLU B 10 16.31 -3.77 2.45
N LEU B 11 17.45 -3.25 2.86
CA LEU B 11 17.74 -1.81 2.87
C LEU B 11 19.05 -1.58 2.16
N VAL B 12 19.02 -0.79 1.08
CA VAL B 12 20.25 -0.60 0.30
C VAL B 12 20.35 0.76 -0.36
N ARG B 13 21.56 1.17 -0.67
CA ARG B 13 21.79 2.47 -1.27
C ARG B 13 21.81 2.45 -2.79
N ALA B 14 21.11 3.40 -3.39
CA ALA B 14 21.05 3.51 -4.84
C ALA B 14 22.46 3.48 -5.36
N GLY B 15 22.64 2.76 -6.44
CA GLY B 15 23.95 2.57 -7.02
C GLY B 15 24.44 1.20 -6.66
N SER B 16 23.92 0.67 -5.57
CA SER B 16 24.31 -0.64 -5.10
C SER B 16 23.41 -1.76 -5.68
N SER B 17 23.61 -2.96 -5.14
CA SER B 17 22.85 -4.13 -5.58
C SER B 17 22.35 -4.97 -4.41
N VAL B 18 21.53 -5.99 -4.70
CA VAL B 18 21.04 -6.87 -3.64
C VAL B 18 20.74 -8.25 -4.16
N LYS B 19 20.67 -9.22 -3.28
CA LYS B 19 20.36 -10.60 -3.68
C LYS B 19 19.35 -11.30 -2.75
N MET B 20 18.09 -11.42 -3.19
CA MET B 20 17.08 -12.04 -2.34
C MET B 20 16.89 -13.52 -2.56
N SER B 21 16.43 -14.21 -1.52
CA SER B 21 16.20 -15.66 -1.57
C SER B 21 14.75 -16.07 -1.65
N CYS B 22 14.55 -17.31 -2.06
CA CYS B 22 13.24 -17.94 -2.17
C CYS B 22 13.48 -19.43 -1.96
N LYS B 23 13.35 -19.87 -0.72
CA LYS B 23 13.58 -21.28 -0.36
C LYS B 23 12.33 -22.10 -0.46
N ALA B 24 12.36 -23.10 -1.31
CA ALA B 24 11.20 -23.93 -1.56
C ALA B 24 11.15 -25.17 -0.67
N SER B 25 9.95 -25.63 -0.37
CA SER B 25 9.77 -26.80 0.49
C SER B 25 8.47 -27.53 0.17
N GLY B 26 8.47 -28.86 0.32
CA GLY B 26 7.29 -29.68 0.11
C GLY B 26 7.05 -30.17 -1.30
N TYR B 27 7.97 -29.91 -2.21
CA TYR B 27 7.81 -30.41 -3.58
C TYR B 27 9.19 -30.60 -4.19
N THR B 28 9.23 -31.19 -5.37
CA THR B 28 10.49 -31.37 -6.09
C THR B 28 10.91 -30.05 -6.74
N PHE B 29 11.90 -29.39 -6.16
CA PHE B 29 12.36 -28.08 -6.61
C PHE B 29 12.71 -27.93 -8.09
N THR B 30 13.22 -29.01 -8.67
CA THR B 30 13.68 -29.02 -10.05
C THR B 30 12.55 -29.34 -11.04
N SER B 31 11.46 -29.88 -10.54
CA SER B 31 10.32 -30.16 -11.42
C SER B 31 9.45 -28.95 -11.73
N TYR B 32 9.79 -27.77 -11.17
CA TYR B 32 8.98 -26.60 -11.41
C TYR B 32 9.78 -25.34 -11.52
N GLY B 33 9.22 -24.36 -12.21
CA GLY B 33 9.89 -23.08 -12.42
C GLY B 33 9.57 -22.08 -11.33
N ILE B 34 10.45 -21.11 -11.17
CA ILE B 34 10.26 -20.04 -10.20
C ILE B 34 10.16 -18.75 -10.98
N ASN B 35 9.10 -18.00 -10.77
CA ASN B 35 8.95 -16.69 -11.41
C ASN B 35 9.11 -15.60 -10.36
N TRP B 36 9.48 -14.42 -10.81
CA TRP B 36 9.58 -13.29 -9.91
C TRP B 36 8.68 -12.20 -10.37
N VAL B 37 7.91 -11.68 -9.43
CA VAL B 37 6.97 -10.62 -9.69
C VAL B 37 7.31 -9.47 -8.77
N LYS B 38 7.25 -8.26 -9.29
CA LYS B 38 7.50 -7.10 -8.46
C LYS B 38 6.19 -6.34 -8.26
N GLN B 39 5.99 -5.82 -7.07
CA GLN B 39 4.82 -5.06 -6.83
C GLN B 39 5.27 -3.78 -6.21
N ARG B 40 5.45 -2.79 -7.04
CA ARG B 40 5.72 -1.49 -6.51
C ARG B 40 4.35 -1.11 -5.99
N PRO B 41 4.26 -0.39 -4.86
CA PRO B 41 2.90 -0.14 -4.43
C PRO B 41 2.19 0.90 -5.23
N GLY B 42 2.42 0.90 -6.53
CA GLY B 42 1.83 1.89 -7.38
C GLY B 42 0.57 1.35 -8.00
N GLN B 43 0.74 0.47 -8.99
CA GLN B 43 -0.43 0.03 -9.73
C GLN B 43 -0.39 -1.35 -10.39
N GLY B 44 -0.13 -2.41 -9.63
CA GLY B 44 -0.22 -3.73 -10.22
C GLY B 44 0.96 -4.60 -9.95
N LEU B 45 1.12 -5.59 -10.81
CA LEU B 45 2.19 -6.52 -10.66
C LEU B 45 2.96 -6.59 -11.95
N GLU B 46 4.25 -6.81 -11.87
CA GLU B 46 5.05 -6.94 -13.06
C GLU B 46 5.78 -8.26 -13.05
N TRP B 47 5.88 -8.84 -14.23
CA TRP B 47 6.55 -10.09 -14.32
C TRP B 47 7.98 -9.71 -14.65
N ILE B 48 8.90 -10.13 -13.80
CA ILE B 48 10.33 -9.86 -14.00
C ILE B 48 10.91 -10.78 -15.03
N GLY B 49 10.98 -12.04 -14.67
CA GLY B 49 11.50 -13.05 -15.55
C GLY B 49 11.18 -14.36 -14.88
N TYR B 50 12.04 -15.34 -15.04
CA TYR B 50 11.80 -16.62 -14.39
C TYR B 50 12.91 -17.63 -14.63
N ILE B 51 12.85 -18.80 -13.98
CA ILE B 51 13.89 -19.77 -14.17
C ILE B 51 13.48 -21.19 -13.94
N ASN B 52 14.08 -22.10 -14.68
CA ASN B 52 13.87 -23.55 -14.48
C ASN B 52 15.01 -24.10 -13.65
N PRO B 53 14.71 -24.52 -12.41
CA PRO B 53 15.73 -25.01 -11.50
C PRO B 53 16.58 -26.16 -12.06
N GLY B 54 15.94 -27.19 -12.58
CA GLY B 54 16.70 -28.25 -13.18
C GLY B 54 17.43 -27.76 -14.42
N ASN B 55 16.71 -27.07 -15.29
CA ASN B 55 17.25 -26.58 -16.56
C ASN B 55 18.35 -25.55 -16.40
N GLY B 56 18.18 -24.66 -15.42
CA GLY B 56 19.08 -23.53 -15.26
C GLY B 56 18.69 -22.42 -16.22
N TYR B 57 17.68 -22.68 -17.03
CA TYR B 57 17.22 -21.75 -18.05
C TYR B 57 16.56 -20.53 -17.44
N THR B 58 16.67 -19.40 -18.11
CA THR B 58 16.10 -18.18 -17.61
C THR B 58 15.54 -17.39 -18.76
N LYS B 59 14.41 -16.75 -18.50
CA LYS B 59 13.73 -15.95 -19.51
C LYS B 59 13.30 -14.66 -18.83
N TYR B 60 13.77 -13.52 -19.35
CA TYR B 60 13.48 -12.24 -18.73
C TYR B 60 12.44 -11.43 -19.42
N ASN B 61 11.92 -10.48 -18.68
CA ASN B 61 11.02 -9.50 -19.23
C ASN B 61 12.02 -8.43 -19.65
N GLU B 62 11.99 -8.05 -20.92
CA GLU B 62 12.88 -7.06 -21.48
C GLU B 62 13.21 -5.86 -20.57
N LYS B 63 12.18 -5.30 -19.98
CA LYS B 63 12.36 -4.22 -19.01
C LYS B 63 13.34 -4.53 -17.87
N PHE B 64 13.16 -5.68 -17.22
CA PHE B 64 13.95 -6.05 -16.05
C PHE B 64 15.23 -6.75 -16.37
N LYS B 65 15.48 -6.95 -17.64
CA LYS B 65 16.71 -7.60 -18.01
C LYS B 65 17.83 -6.60 -17.91
N GLY B 66 19.05 -7.09 -17.85
CA GLY B 66 20.15 -6.16 -17.82
C GLY B 66 20.46 -5.69 -16.42
N LYS B 67 19.45 -5.34 -15.65
CA LYS B 67 19.67 -5.02 -14.24
C LYS B 67 19.35 -6.20 -13.31
N THR B 68 18.63 -7.20 -13.82
CA THR B 68 18.18 -8.37 -13.04
C THR B 68 18.90 -9.66 -13.41
N THR B 69 19.07 -10.55 -12.44
CA THR B 69 19.72 -11.82 -12.68
C THR B 69 19.10 -12.90 -11.78
N LEU B 70 18.55 -13.93 -12.41
CA LEU B 70 17.95 -15.02 -11.68
C LEU B 70 18.84 -16.22 -11.66
N THR B 71 19.03 -16.80 -10.48
CA THR B 71 19.83 -18.02 -10.34
C THR B 71 19.20 -18.97 -9.35
N VAL B 72 19.85 -20.09 -9.13
CA VAL B 72 19.29 -21.11 -8.26
C VAL B 72 20.40 -21.98 -7.70
N ASP B 73 20.16 -22.59 -6.56
CA ASP B 73 21.08 -23.53 -5.96
C ASP B 73 20.25 -24.73 -5.55
N LYS B 74 20.64 -25.94 -5.92
CA LYS B 74 19.78 -27.08 -5.67
C LYS B 74 20.24 -28.12 -4.65
N SER B 75 21.25 -27.79 -3.87
CA SER B 75 21.75 -28.69 -2.84
C SER B 75 21.23 -28.16 -1.52
N SER B 76 20.27 -27.27 -1.68
CA SER B 76 19.49 -26.60 -0.66
C SER B 76 18.51 -26.05 -1.66
N SER B 77 17.23 -26.30 -1.49
CA SER B 77 16.31 -25.88 -2.54
C SER B 77 16.05 -24.39 -2.61
N THR B 78 17.04 -23.60 -3.00
CA THR B 78 16.86 -22.14 -3.03
C THR B 78 17.11 -21.41 -4.38
N ALA B 79 16.32 -20.39 -4.65
CA ALA B 79 16.46 -19.60 -5.87
C ALA B 79 16.80 -18.21 -5.48
N TYR B 80 17.60 -17.53 -6.29
CA TYR B 80 18.02 -16.15 -5.98
C TYR B 80 17.75 -15.18 -7.11
N MET B 81 17.45 -13.94 -6.76
CA MET B 81 17.24 -12.87 -7.73
C MET B 81 18.12 -11.75 -7.29
N GLN B 82 18.94 -11.26 -8.20
CA GLN B 82 19.85 -10.18 -7.89
C GLN B 82 19.53 -8.94 -8.72
N LEU B 83 19.39 -7.81 -8.03
CA LEU B 83 19.09 -6.54 -8.65
C LEU B 83 20.36 -5.68 -8.60
N ARG B 84 20.72 -5.06 -9.72
CA ARG B 84 21.91 -4.19 -9.77
C ARG B 84 21.64 -2.75 -10.18
N SER B 85 22.53 -1.84 -9.80
CA SER B 85 22.37 -0.40 -10.05
C SER B 85 20.99 0.07 -9.59
N LEU B 86 20.71 -0.14 -8.32
CA LEU B 86 19.40 0.14 -7.80
C LEU B 86 19.08 1.60 -7.88
N THR B 87 17.80 1.92 -7.79
CA THR B 87 17.33 3.30 -7.83
C THR B 87 16.03 3.32 -7.05
N SER B 88 15.47 4.50 -6.86
CA SER B 88 14.19 4.64 -6.23
C SER B 88 13.18 3.72 -6.88
N GLU B 89 13.31 3.55 -8.20
CA GLU B 89 12.33 2.76 -8.93
C GLU B 89 12.34 1.27 -8.60
N ASP B 90 13.32 0.84 -7.82
CA ASP B 90 13.40 -0.55 -7.44
C ASP B 90 12.88 -0.83 -6.04
N SER B 91 12.33 0.20 -5.42
CA SER B 91 11.71 0.03 -4.13
C SER B 91 10.35 -0.57 -4.35
N ALA B 92 10.16 -1.79 -3.87
CA ALA B 92 8.92 -2.51 -4.01
C ALA B 92 9.01 -3.77 -3.20
N VAL B 93 7.95 -4.55 -3.21
CA VAL B 93 7.99 -5.84 -2.56
C VAL B 93 8.14 -6.81 -3.75
N TYR B 94 9.00 -7.81 -3.61
CA TYR B 94 9.24 -8.79 -4.68
C TYR B 94 8.74 -10.15 -4.27
N PHE B 95 8.00 -10.83 -5.14
CA PHE B 95 7.50 -12.16 -4.82
C PHE B 95 8.09 -13.19 -5.75
N CYS B 96 8.17 -14.41 -5.28
CA CYS B 96 8.56 -15.51 -6.13
C CYS B 96 7.38 -16.47 -6.13
N ALA B 97 7.15 -17.17 -7.22
CA ALA B 97 6.02 -18.09 -7.26
C ALA B 97 6.35 -19.33 -8.05
N ARG B 98 5.67 -20.43 -7.74
CA ARG B 98 5.89 -21.63 -8.52
C ARG B 98 5.08 -21.63 -9.81
N SER B 99 5.58 -22.30 -10.84
CA SER B 99 4.84 -22.43 -12.10
C SER B 99 4.43 -23.86 -12.41
N VAL B 100 3.17 -24.07 -12.75
CA VAL B 100 2.69 -25.41 -13.07
C VAL B 100 2.19 -25.43 -14.49
N TYR B 101 2.32 -26.57 -15.13
CA TYR B 101 1.93 -26.67 -16.52
C TYR B 101 0.51 -27.09 -16.58
N TYR B 102 -0.17 -26.64 -17.62
CA TYR B 102 -1.54 -27.00 -17.85
C TYR B 102 -1.96 -26.40 -19.16
N GLY B 103 -2.65 -27.20 -19.96
CA GLY B 103 -3.05 -26.78 -21.30
C GLY B 103 -1.73 -26.68 -22.00
N GLY B 104 -1.44 -25.57 -22.65
CA GLY B 104 -0.13 -25.44 -23.24
C GLY B 104 0.67 -24.43 -22.45
N SER B 105 0.20 -24.04 -21.27
CA SER B 105 0.86 -22.95 -20.53
C SER B 105 1.00 -23.14 -19.04
N TYR B 106 1.44 -22.07 -18.40
CA TYR B 106 1.68 -22.05 -16.96
C TYR B 106 0.80 -21.11 -16.22
N TYR B 107 0.91 -21.18 -14.90
CA TYR B 107 0.23 -20.26 -14.02
C TYR B 107 0.94 -20.43 -12.69
N PHE B 108 0.76 -19.50 -11.76
CA PHE B 108 1.46 -19.59 -10.49
C PHE B 108 0.53 -20.14 -9.42
N ASP B 109 0.84 -21.29 -8.87
CA ASP B 109 -0.03 -21.91 -7.88
C ASP B 109 0.34 -21.65 -6.42
N TYR B 110 1.61 -21.32 -6.16
CA TYR B 110 2.04 -20.98 -4.80
C TYR B 110 2.98 -19.81 -4.86
N TRP B 111 2.93 -18.96 -3.83
CA TRP B 111 3.80 -17.78 -3.75
C TRP B 111 4.47 -17.65 -2.40
N GLY B 112 5.44 -16.74 -2.33
CA GLY B 112 6.13 -16.50 -1.09
C GLY B 112 5.49 -15.30 -0.45
N GLN B 113 5.79 -15.06 0.83
CA GLN B 113 5.26 -13.90 1.53
C GLN B 113 5.68 -12.63 0.84
N GLY B 114 6.88 -12.62 0.29
CA GLY B 114 7.37 -11.45 -0.42
C GLY B 114 8.53 -10.78 0.32
N THR B 115 9.35 -10.06 -0.42
CA THR B 115 10.50 -9.39 0.16
C THR B 115 10.45 -7.90 -0.09
N THR B 116 10.46 -7.10 0.97
CA THR B 116 10.43 -5.65 0.79
C THR B 116 11.82 -5.11 0.59
N LEU B 117 11.98 -4.30 -0.45
CA LEU B 117 13.27 -3.72 -0.76
C LEU B 117 13.17 -2.23 -0.80
N THR B 118 13.82 -1.54 0.14
CA THR B 118 13.77 -0.09 0.14
C THR B 118 15.12 0.46 -0.25
N VAL B 119 15.15 1.15 -1.39
CA VAL B 119 16.38 1.75 -1.88
C VAL B 119 16.53 3.14 -1.30
N SER B 120 17.49 3.32 -0.41
CA SER B 120 17.69 4.59 0.28
C SER B 120 19.04 4.68 0.94
N SER B 121 19.46 5.90 1.28
CA SER B 121 20.71 6.12 1.97
C SER B 121 20.54 6.38 3.43
N ALA B 122 19.32 6.53 3.88
CA ALA B 122 19.06 6.74 5.29
C ALA B 122 19.73 5.68 6.16
N LYS B 123 19.70 5.92 7.47
CA LYS B 123 20.24 4.99 8.44
C LYS B 123 19.24 5.02 9.54
N THR B 124 19.35 4.10 10.49
CA THR B 124 18.41 4.08 11.59
C THR B 124 18.46 5.45 12.27
N THR B 125 17.32 6.13 12.28
CA THR B 125 17.16 7.39 13.00
C THR B 125 15.78 7.43 13.61
N PRO B 126 15.67 7.84 14.89
CA PRO B 126 14.42 7.96 15.60
C PRO B 126 13.59 9.11 15.08
N PRO B 127 12.28 9.00 15.22
CA PRO B 127 11.43 10.04 14.71
C PRO B 127 11.36 11.22 15.67
N SER B 128 10.85 12.34 15.20
CA SER B 128 10.58 13.45 16.09
C SER B 128 9.08 13.41 16.27
N VAL B 129 8.68 13.42 17.53
CA VAL B 129 7.28 13.35 17.80
C VAL B 129 6.75 14.72 18.10
N TYR B 130 5.99 15.28 17.18
CA TYR B 130 5.41 16.58 17.42
C TYR B 130 3.98 16.49 17.88
N PRO B 131 3.64 17.18 18.95
CA PRO B 131 2.27 17.16 19.48
C PRO B 131 1.34 18.08 18.71
N LEU B 132 0.15 17.59 18.37
CA LEU B 132 -0.78 18.40 17.60
C LEU B 132 -1.99 18.85 18.40
N ALA B 133 -1.88 20.05 18.97
CA ALA B 133 -2.95 20.66 19.72
C ALA B 133 -3.64 21.66 18.81
N PRO B 134 -4.96 21.84 18.99
CA PRO B 134 -5.73 22.77 18.14
C PRO B 134 -5.21 24.19 18.20
N GLY B 135 -5.93 25.12 17.60
CA GLY B 135 -5.37 26.45 17.52
C GLY B 135 -6.29 27.56 17.87
N SER B 136 -5.99 28.20 18.99
CA SER B 136 -6.69 29.38 19.54
C SER B 136 -8.08 29.81 19.06
N ASN B 141 -18.07 21.39 19.28
CA ASN B 141 -16.89 21.48 20.16
C ASN B 141 -16.97 20.48 21.35
N SER B 142 -18.00 19.61 21.35
CA SER B 142 -18.21 18.60 22.40
C SER B 142 -17.33 17.37 22.23
N MET B 143 -16.61 17.32 21.12
CA MET B 143 -15.65 16.28 20.85
C MET B 143 -14.44 17.01 20.28
N VAL B 144 -13.24 16.59 20.64
CA VAL B 144 -12.05 17.27 20.17
C VAL B 144 -11.01 16.29 19.66
N THR B 145 -10.43 16.62 18.50
CA THR B 145 -9.46 15.77 17.89
C THR B 145 -8.11 16.32 18.19
N LEU B 146 -7.20 15.42 18.53
CA LEU B 146 -5.83 15.77 18.80
C LEU B 146 -4.96 14.88 17.95
N GLY B 147 -3.80 15.39 17.59
CA GLY B 147 -2.93 14.62 16.73
C GLY B 147 -1.55 14.44 17.28
N CYS B 148 -0.71 13.84 16.46
CA CYS B 148 0.65 13.54 16.85
C CYS B 148 1.37 13.25 15.55
N LEU B 149 2.40 14.03 15.25
CA LEU B 149 3.13 13.94 13.99
C LEU B 149 4.45 13.28 14.22
N VAL B 150 4.59 12.09 13.67
CA VAL B 150 5.79 11.33 13.86
C VAL B 150 6.63 11.57 12.64
N LYS B 151 7.62 12.44 12.74
CA LYS B 151 8.36 12.85 11.54
C LYS B 151 9.85 12.57 11.51
N GLY B 152 10.29 12.09 10.37
CA GLY B 152 11.70 11.91 10.11
C GLY B 152 12.35 10.67 10.66
N TYR B 153 11.70 9.51 10.57
CA TYR B 153 12.29 8.27 11.08
C TYR B 153 12.67 7.32 9.97
N PHE B 154 13.40 6.29 10.34
CA PHE B 154 13.82 5.28 9.37
C PHE B 154 14.46 4.14 10.12
N PRO B 155 14.09 2.89 9.80
CA PRO B 155 13.10 2.47 8.82
C PRO B 155 11.79 2.07 9.53
N GLU B 156 10.76 1.72 8.77
CA GLU B 156 9.51 1.25 9.36
C GLU B 156 9.85 0.02 10.20
N PRO B 157 9.00 -0.35 11.16
CA PRO B 157 7.74 0.28 11.47
C PRO B 157 7.81 1.20 12.69
N VAL B 158 6.67 1.75 13.00
CA VAL B 158 6.52 2.63 14.12
C VAL B 158 5.24 2.24 14.82
N THR B 159 5.25 2.22 16.13
CA THR B 159 4.07 1.85 16.86
C THR B 159 3.54 3.05 17.63
N VAL B 160 2.31 3.42 17.33
CA VAL B 160 1.69 4.53 18.00
C VAL B 160 0.44 4.07 18.71
N THR B 161 0.32 4.50 19.96
CA THR B 161 -0.82 4.23 20.80
C THR B 161 -1.05 5.50 21.59
N TRP B 162 -2.26 5.69 22.08
CA TRP B 162 -2.56 6.84 22.86
C TRP B 162 -2.84 6.48 24.30
N ASN B 163 -2.22 7.23 25.23
CA ASN B 163 -2.38 6.97 26.66
C ASN B 163 -2.03 5.54 26.95
N SER B 164 -1.00 5.06 26.26
CA SER B 164 -0.54 3.69 26.40
C SER B 164 -1.54 2.57 26.14
N GLY B 165 -2.62 2.85 25.44
CA GLY B 165 -3.56 1.80 25.13
C GLY B 165 -4.92 2.09 25.66
N SER B 166 -4.99 2.78 26.78
CA SER B 166 -6.25 3.11 27.42
C SER B 166 -7.14 3.98 26.56
N LEU B 167 -6.56 4.63 25.58
CA LEU B 167 -7.31 5.37 24.57
C LEU B 167 -7.26 4.53 23.29
N SER B 168 -8.33 3.82 23.00
CA SER B 168 -8.32 2.90 21.87
C SER B 168 -9.31 3.30 20.81
N SER B 169 -10.54 3.60 21.22
CA SER B 169 -11.55 3.96 20.24
C SER B 169 -11.37 5.42 19.80
N GLY B 170 -11.58 5.66 18.51
CA GLY B 170 -11.42 6.99 17.95
C GLY B 170 -9.98 7.29 17.62
N VAL B 171 -9.24 6.28 17.23
CA VAL B 171 -7.84 6.47 16.90
C VAL B 171 -7.63 6.05 15.47
N HIS B 172 -6.96 6.92 14.70
CA HIS B 172 -6.62 6.60 13.33
C HIS B 172 -5.13 6.78 13.14
N THR B 173 -4.39 5.70 13.08
CA THR B 173 -3.00 5.87 12.77
C THR B 173 -2.86 5.63 11.29
N PHE B 174 -2.29 6.60 10.57
CA PHE B 174 -2.12 6.53 9.12
C PHE B 174 -0.84 5.88 8.65
N PRO B 175 -0.85 5.31 7.44
CA PRO B 175 0.31 4.68 6.84
C PRO B 175 1.41 5.69 6.65
N ALA B 176 2.64 5.28 6.88
CA ALA B 176 3.75 6.19 6.74
C ALA B 176 4.00 6.53 5.29
N VAL B 177 4.51 7.73 5.07
CA VAL B 177 4.83 8.15 3.73
C VAL B 177 6.28 8.61 3.71
N LEU B 178 6.96 8.28 2.62
CA LEU B 178 8.35 8.64 2.41
C LEU B 178 8.49 10.03 1.84
N GLN B 179 9.13 10.90 2.61
CA GLN B 179 9.47 12.24 2.16
C GLN B 179 10.83 12.62 2.72
N SER B 180 11.74 12.98 1.82
CA SER B 180 13.08 13.39 2.20
C SER B 180 13.95 12.17 2.44
N ASP B 181 13.45 11.02 2.01
CA ASP B 181 14.17 9.78 2.24
C ASP B 181 13.97 9.25 3.66
N LEU B 182 12.99 9.82 4.33
CA LEU B 182 12.66 9.46 5.68
C LEU B 182 11.16 9.33 5.79
N TYR B 183 10.70 8.48 6.69
CA TYR B 183 9.31 8.28 6.79
C TYR B 183 8.67 9.30 7.69
N THR B 184 7.39 9.52 7.44
CA THR B 184 6.64 10.44 8.25
C THR B 184 5.27 9.86 8.36
N LEU B 185 4.74 9.85 9.58
CA LEU B 185 3.37 9.41 9.76
C LEU B 185 2.63 10.28 10.75
N SER B 186 1.34 10.09 10.84
CA SER B 186 0.53 10.84 11.78
C SER B 186 -0.50 9.94 12.42
N SER B 187 -1.11 10.42 13.48
CA SER B 187 -2.10 9.65 14.17
C SER B 187 -3.07 10.62 14.78
N SER B 188 -4.34 10.26 14.88
CA SER B 188 -5.28 11.15 15.53
C SER B 188 -6.15 10.42 16.48
N VAL B 189 -6.51 11.11 17.55
CA VAL B 189 -7.42 10.54 18.53
C VAL B 189 -8.50 11.56 18.87
N THR B 190 -9.72 11.06 19.01
CA THR B 190 -10.85 11.91 19.31
C THR B 190 -11.44 11.56 20.67
N VAL B 191 -11.33 12.49 21.60
CA VAL B 191 -11.82 12.33 22.96
C VAL B 191 -12.82 13.44 23.26
N PRO B 192 -13.77 13.18 24.17
CA PRO B 192 -14.76 14.20 24.53
C PRO B 192 -14.05 15.45 25.01
N SER B 193 -14.77 16.56 25.14
CA SER B 193 -14.13 17.79 25.60
C SER B 193 -13.87 17.79 27.07
N SER B 194 -14.58 16.91 27.77
CA SER B 194 -14.39 16.74 29.18
C SER B 194 -13.06 16.11 29.57
N PRO B 195 -12.49 15.19 28.76
CA PRO B 195 -11.17 14.60 29.05
C PRO B 195 -9.95 15.46 28.82
N ARG B 196 -10.01 16.37 27.86
CA ARG B 196 -8.86 17.22 27.53
C ARG B 196 -9.26 18.68 27.47
N PRO B 197 -8.43 19.60 27.96
CA PRO B 197 -7.11 19.44 28.58
C PRO B 197 -7.25 19.15 30.06
N SER B 198 -8.49 18.88 30.44
CA SER B 198 -8.85 18.47 31.79
C SER B 198 -7.95 17.33 32.27
N GLU B 199 -7.72 16.34 31.41
CA GLU B 199 -6.84 15.22 31.73
C GLU B 199 -5.67 15.23 30.77
N THR B 200 -4.87 14.19 30.84
CA THR B 200 -3.72 14.12 29.98
C THR B 200 -3.98 13.20 28.81
N VAL B 201 -3.48 13.60 27.65
CA VAL B 201 -3.56 12.78 26.46
C VAL B 201 -2.16 12.69 25.95
N THR B 202 -1.62 11.49 25.84
CA THR B 202 -0.24 11.33 25.39
C THR B 202 -0.12 10.32 24.27
N CYS B 203 0.58 10.68 23.19
CA CYS B 203 0.84 9.68 22.18
C CYS B 203 2.15 9.01 22.51
N ASN B 204 2.16 7.70 22.35
CA ASN B 204 3.33 6.91 22.62
C ASN B 204 3.77 6.31 21.34
N VAL B 205 4.92 6.72 20.87
CA VAL B 205 5.42 6.20 19.61
C VAL B 205 6.66 5.38 19.90
N ALA B 206 6.67 4.19 19.36
CA ALA B 206 7.79 3.33 19.57
C ALA B 206 8.39 3.12 18.22
N HIS B 207 9.69 2.99 18.20
CA HIS B 207 10.40 2.76 16.97
C HIS B 207 11.46 1.76 17.28
N PRO B 208 11.14 0.48 17.20
CA PRO B 208 12.05 -0.60 17.51
C PRO B 208 13.45 -0.46 16.93
N ALA B 209 13.57 -0.13 15.65
CA ALA B 209 14.86 -0.03 15.02
C ALA B 209 15.89 0.80 15.79
N SER B 210 15.44 1.88 16.41
CA SER B 210 16.36 2.77 17.12
C SER B 210 16.19 2.69 18.63
N SER B 211 15.46 1.67 19.06
CA SER B 211 15.21 1.41 20.47
C SER B 211 14.72 2.66 21.16
N THR B 212 13.67 3.22 20.62
CA THR B 212 13.10 4.44 21.14
C THR B 212 11.64 4.26 21.52
N LYS B 213 11.29 4.77 22.69
CA LYS B 213 9.94 4.71 23.16
C LYS B 213 9.60 6.11 23.65
N VAL B 214 9.00 6.92 22.78
CA VAL B 214 8.68 8.32 23.13
C VAL B 214 7.24 8.58 23.52
N ASP B 215 7.08 9.30 24.61
CA ASP B 215 5.79 9.67 25.11
C ASP B 215 5.65 11.18 25.01
N LYS B 216 4.78 11.63 24.11
CA LYS B 216 4.54 13.04 23.92
C LYS B 216 3.21 13.47 24.49
N LYS B 217 3.23 14.48 25.34
CA LYS B 217 2.02 14.97 25.95
C LYS B 217 1.40 16.06 25.08
N ILE B 218 0.08 16.01 24.91
CA ILE B 218 -0.59 17.02 24.11
C ILE B 218 -1.14 18.13 24.99
N VAL B 219 -0.43 19.26 25.04
CA VAL B 219 -0.83 20.40 25.84
C VAL B 219 -1.38 21.56 25.02
N PRO B 220 -2.30 22.31 25.61
CA PRO B 220 -3.01 23.44 25.06
C PRO B 220 -2.11 24.53 24.55
N ARG B 221 -2.50 25.11 23.42
CA ARG B 221 -1.82 26.24 22.82
C ARG B 221 -1.24 25.93 21.48
N ASP B 222 0.07 26.06 21.39
CA ASP B 222 0.81 25.79 20.16
C ASP B 222 2.11 25.09 20.58
N PRO C 2 11.18 -16.45 -33.57
CA PRO C 2 12.59 -15.94 -33.45
C PRO C 2 13.39 -16.25 -32.19
N TYR C 3 12.72 -16.57 -31.09
CA TYR C 3 13.43 -16.84 -29.85
C TYR C 3 12.54 -17.37 -28.71
N PRO C 4 13.18 -18.22 -27.86
CA PRO C 4 12.67 -19.24 -26.89
C PRO C 4 11.87 -18.67 -25.76
N ALA C 5 11.20 -19.50 -24.97
CA ALA C 5 10.10 -18.91 -24.25
C ALA C 5 9.73 -19.78 -23.10
N TRP C 6 8.46 -20.03 -22.90
CA TRP C 6 7.94 -21.27 -22.36
C TRP C 6 6.48 -21.57 -22.31
N HIS C 7 5.70 -20.53 -22.55
CA HIS C 7 4.42 -20.79 -23.19
C HIS C 7 4.27 -19.88 -24.39
N ALA C 8 5.10 -18.84 -24.44
CA ALA C 8 4.95 -17.88 -25.55
C ALA C 8 6.17 -16.99 -25.97
N PRO C 9 6.00 -16.14 -27.02
CA PRO C 9 7.09 -15.36 -27.67
C PRO C 9 7.91 -14.42 -26.84
N GLY C 10 8.98 -14.84 -26.38
#